data_5CG2
#
_entry.id   5CG2
#
_cell.length_a   79.913
_cell.length_b   79.913
_cell.length_c   323.789
_cell.angle_alpha   90.000
_cell.angle_beta   90.000
_cell.angle_gamma   120.000
#
_symmetry.space_group_name_H-M   'P 61 2 2'
#
loop_
_entity.id
_entity.type
_entity.pdbx_description
1 polymer 'Enoyl-[acyl-carrier-protein] reductase [NADH] FabI'
2 non-polymer NICOTINAMIDE-ADENINE-DINUCLEOTIDE
3 non-polymer 1-hydroxy-2,3,1-benzodiazaborinine-2(1H)-carbothioamide
4 water water
#
_entity_poly.entity_id   1
_entity_poly.type   'polypeptide(L)'
_entity_poly.pdbx_seq_one_letter_code
;MHHHHHHSSGLVPRGSGMKETAAAKFERQHMDSPDLGTDDDDKMGFLSGKRILVTGVASKLSIAYGIAQAMHREGAELAF
TYQNDKLKGRVEEFAAQLGSDIVLQCDVAEDASIDTMFAELGKVWPKFDGFVHSIGFAPGDQLDGDYVNAVTREGFKIAH
DISSYSFVAMAKACRSMLNPGSALLTLSYLGAERAIPNYNVMGLAKASLEANVRYMANAMGPEGVRVNAISAGPIRTLAA
SGIKDFRKMLAHCEAVTPIRRTVTIEDVGNSAAFLCSDLSAGISGEVVHVDGGFSIAAMNELELK
;
_entity_poly.pdbx_strand_id   A,B
#
# COMPACT_ATOMS: atom_id res chain seq x y z
N GLY A 45 32.84 16.67 -2.35
CA GLY A 45 31.65 16.91 -3.23
C GLY A 45 30.42 17.35 -2.46
N PHE A 46 29.25 17.21 -3.07
CA PHE A 46 28.03 17.79 -2.49
C PHE A 46 27.48 17.10 -1.25
N LEU A 47 28.09 15.99 -0.84
CA LEU A 47 27.70 15.36 0.44
C LEU A 47 28.70 15.51 1.60
N SER A 48 29.75 16.33 1.42
CA SER A 48 30.72 16.54 2.52
C SER A 48 30.07 17.05 3.77
N GLY A 49 30.43 16.50 4.91
CA GLY A 49 29.80 16.89 6.18
C GLY A 49 28.67 15.94 6.58
N LYS A 50 28.18 15.15 5.62
CA LYS A 50 27.02 14.26 5.83
C LYS A 50 27.44 12.84 6.22
N ARG A 51 26.77 12.31 7.24
CA ARG A 51 26.88 10.91 7.65
C ARG A 51 25.62 10.12 7.32
N ILE A 52 25.76 9.19 6.38
CA ILE A 52 24.63 8.43 5.87
C ILE A 52 24.80 6.92 6.18
N LEU A 53 23.74 6.35 6.73
CA LEU A 53 23.64 4.91 6.90
C LEU A 53 23.05 4.23 5.64
N VAL A 54 23.78 3.26 5.06
CA VAL A 54 23.30 2.55 3.91
C VAL A 54 22.91 1.09 4.25
N THR A 55 21.65 0.73 4.03
CA THR A 55 21.24 -0.67 4.20
C THR A 55 21.25 -1.40 2.89
N GLY A 56 21.11 -2.73 2.94
CA GLY A 56 20.75 -3.48 1.75
C GLY A 56 21.86 -3.81 0.79
N VAL A 57 23.12 -3.65 1.20
CA VAL A 57 24.23 -4.08 0.34
C VAL A 57 24.32 -5.59 0.54
N ALA A 58 24.23 -6.33 -0.56
CA ALA A 58 24.38 -7.79 -0.52
C ALA A 58 25.41 -8.23 -1.56
N SER A 59 25.65 -7.39 -2.58
CA SER A 59 26.67 -7.65 -3.60
C SER A 59 27.09 -6.39 -4.36
N LYS A 60 28.01 -6.53 -5.28
CA LYS A 60 28.38 -5.44 -6.19
C LYS A 60 27.24 -5.04 -7.14
N LEU A 61 26.22 -5.90 -7.25
CA LEU A 61 25.10 -5.67 -8.18
C LEU A 61 23.99 -4.90 -7.51
N SER A 62 24.03 -4.87 -6.18
CA SER A 62 23.03 -4.22 -5.36
C SER A 62 22.92 -2.74 -5.71
N ILE A 63 21.68 -2.29 -5.86
CA ILE A 63 21.39 -0.88 -5.97
C ILE A 63 22.08 -0.15 -4.83
N ALA A 64 22.06 -0.72 -3.64
CA ALA A 64 22.61 -0.01 -2.47
C ALA A 64 24.13 0.15 -2.57
N TYR A 65 24.76 -0.73 -3.34
CA TYR A 65 26.17 -0.60 -3.65
C TYR A 65 26.42 0.54 -4.65
N GLY A 66 25.63 0.61 -5.72
CA GLY A 66 25.65 1.82 -6.58
C GLY A 66 25.48 3.11 -5.79
N ILE A 67 24.53 3.12 -4.87
CA ILE A 67 24.28 4.29 -4.07
C ILE A 67 25.46 4.64 -3.15
N ALA A 68 25.98 3.63 -2.43
CA ALA A 68 27.12 3.85 -1.53
C ALA A 68 28.33 4.40 -2.32
N GLN A 69 28.59 3.85 -3.51
CA GLN A 69 29.70 4.35 -4.31
C GLN A 69 29.52 5.81 -4.71
N ALA A 70 28.31 6.17 -5.12
CA ALA A 70 28.02 7.52 -5.53
C ALA A 70 28.20 8.45 -4.35
N MET A 71 27.65 8.07 -3.20
CA MET A 71 27.74 8.92 -2.05
C MET A 71 29.16 9.11 -1.53
N HIS A 72 29.94 8.03 -1.58
CA HIS A 72 31.35 8.14 -1.13
C HIS A 72 32.09 9.07 -2.06
N ARG A 73 31.87 8.91 -3.36
CA ARG A 73 32.45 9.79 -4.37
C ARG A 73 32.13 11.27 -4.06
N GLU A 74 30.98 11.53 -3.46
CA GLU A 74 30.58 12.91 -3.22
C GLU A 74 30.90 13.42 -1.81
N GLY A 75 31.71 12.66 -1.07
CA GLY A 75 32.26 13.10 0.21
C GLY A 75 31.53 12.68 1.47
N ALA A 76 30.53 11.78 1.33
CA ALA A 76 29.74 11.39 2.51
C ALA A 76 30.62 10.44 3.30
N GLU A 77 30.51 10.49 4.62
CA GLU A 77 30.98 9.41 5.47
C GLU A 77 29.85 8.40 5.59
N LEU A 78 30.20 7.13 5.36
CA LEU A 78 29.21 6.07 5.30
C LEU A 78 29.27 5.04 6.46
N ALA A 79 28.10 4.49 6.79
CA ALA A 79 27.95 3.37 7.69
C ALA A 79 27.10 2.32 6.95
N PHE A 80 27.22 1.06 7.36
CA PHE A 80 26.59 -0.08 6.66
C PHE A 80 25.96 -1.06 7.63
N THR A 81 24.83 -1.63 7.21
CA THR A 81 24.23 -2.73 7.93
C THR A 81 24.30 -3.98 7.08
N TYR A 82 24.20 -5.13 7.73
CA TYR A 82 24.11 -6.36 6.99
C TYR A 82 23.02 -7.19 7.68
N GLN A 83 22.29 -7.98 6.90
CA GLN A 83 21.12 -8.70 7.42
C GLN A 83 21.51 -9.84 8.40
N ASN A 84 22.52 -10.59 8.02
CA ASN A 84 22.79 -11.87 8.66
C ASN A 84 24.26 -12.26 8.52
N ASP A 85 24.62 -13.40 9.15
CA ASP A 85 26.00 -13.91 9.15
C ASP A 85 26.51 -14.17 7.75
N LYS A 86 25.61 -14.55 6.83
CA LYS A 86 26.02 -14.84 5.44
C LYS A 86 26.61 -13.62 4.73
N LEU A 87 26.06 -12.45 5.03
CA LEU A 87 26.41 -11.20 4.30
C LEU A 87 27.48 -10.37 4.98
N LYS A 88 27.79 -10.69 6.25
CA LYS A 88 28.70 -9.88 7.07
C LYS A 88 30.05 -9.57 6.40
N GLY A 89 30.73 -10.62 5.95
CA GLY A 89 32.08 -10.46 5.39
C GLY A 89 32.13 -9.61 4.12
N ARG A 90 31.23 -9.89 3.18
CA ARG A 90 31.08 -9.12 1.93
C ARG A 90 30.93 -7.60 2.19
N VAL A 91 30.04 -7.27 3.12
CA VAL A 91 29.72 -5.91 3.53
C VAL A 91 30.90 -5.24 4.24
N GLU A 92 31.54 -5.96 5.17
CA GLU A 92 32.80 -5.51 5.77
C GLU A 92 33.85 -5.16 4.74
N GLU A 93 34.02 -6.01 3.74
CA GLU A 93 34.97 -5.72 2.69
C GLU A 93 34.56 -4.50 1.83
N PHE A 94 33.27 -4.41 1.45
CA PHE A 94 32.84 -3.23 0.70
C PHE A 94 32.98 -1.98 1.50
N ALA A 95 32.62 -2.05 2.78
CA ALA A 95 32.73 -0.90 3.65
C ALA A 95 34.18 -0.40 3.78
N ALA A 96 35.13 -1.34 3.95
CA ALA A 96 36.54 -0.97 4.05
C ALA A 96 36.98 -0.26 2.77
N GLN A 97 36.59 -0.79 1.61
CA GLN A 97 36.88 -0.12 0.33
C GLN A 97 36.34 1.30 0.18
N LEU A 98 35.30 1.64 0.95
CA LEU A 98 34.70 2.97 0.90
C LEU A 98 35.01 3.75 2.17
N GLY A 99 36.17 3.46 2.76
CA GLY A 99 36.69 4.17 3.92
C GLY A 99 35.91 4.08 5.20
N SER A 100 35.05 3.08 5.35
CA SER A 100 34.25 2.98 6.55
C SER A 100 34.55 1.72 7.38
N ASP A 101 34.49 1.81 8.69
CA ASP A 101 34.42 0.58 9.47
C ASP A 101 33.27 0.59 10.45
N ILE A 102 32.15 1.13 10.00
CA ILE A 102 30.91 1.01 10.73
C ILE A 102 30.06 0.03 9.91
N VAL A 103 30.00 -1.22 10.41
CA VAL A 103 29.36 -2.35 9.75
C VAL A 103 28.57 -3.08 10.84
N LEU A 104 27.24 -2.95 10.81
CA LEU A 104 26.39 -3.36 11.91
C LEU A 104 25.25 -4.29 11.44
N GLN A 105 24.92 -5.28 12.28
CA GLN A 105 23.88 -6.26 11.97
C GLN A 105 22.50 -5.60 12.12
N CYS A 106 21.62 -5.84 11.16
CA CYS A 106 20.25 -5.37 11.32
C CYS A 106 19.32 -6.22 10.51
N ASP A 107 18.39 -6.89 11.19
CA ASP A 107 17.35 -7.65 10.52
C ASP A 107 16.04 -6.94 10.84
N VAL A 108 15.46 -6.30 9.83
CA VAL A 108 14.33 -5.39 10.09
C VAL A 108 13.03 -6.09 10.46
N ALA A 109 13.01 -7.42 10.38
CA ALA A 109 11.90 -8.22 10.91
C ALA A 109 11.77 -8.09 12.42
N GLU A 110 12.84 -7.68 13.10
CA GLU A 110 12.84 -7.65 14.56
C GLU A 110 13.06 -6.23 15.12
N ASP A 111 12.13 -5.77 15.95
CA ASP A 111 12.23 -4.46 16.61
C ASP A 111 13.51 -4.35 17.47
N ALA A 112 13.85 -5.44 18.16
CA ALA A 112 15.04 -5.49 19.01
C ALA A 112 16.31 -5.37 18.16
N SER A 113 16.34 -6.02 17.01
CA SER A 113 17.51 -5.94 16.11
C SER A 113 17.74 -4.52 15.62
N ILE A 114 16.65 -3.80 15.29
CA ILE A 114 16.75 -2.41 14.86
C ILE A 114 17.24 -1.45 15.97
N ASP A 115 16.64 -1.54 17.16
CA ASP A 115 17.03 -0.72 18.32
C ASP A 115 18.51 -0.91 18.70
N THR A 116 18.92 -2.17 18.76
CA THR A 116 20.31 -2.55 19.04
C THR A 116 21.27 -1.98 18.01
N MET A 117 20.88 -2.03 16.74
CA MET A 117 21.74 -1.51 15.71
C MET A 117 21.93 0.00 15.92
N PHE A 118 20.85 0.74 16.17
CA PHE A 118 20.98 2.18 16.35
C PHE A 118 21.69 2.59 17.66
N ALA A 119 21.61 1.75 18.70
CA ALA A 119 22.45 1.95 19.90
C ALA A 119 23.92 1.81 19.58
N GLU A 120 24.28 0.79 18.80
CA GLU A 120 25.66 0.61 18.39
C GLU A 120 26.12 1.81 17.55
N LEU A 121 25.26 2.25 16.62
CA LEU A 121 25.62 3.37 15.75
C LEU A 121 25.85 4.65 16.56
N GLY A 122 25.06 4.84 17.60
CA GLY A 122 25.12 6.02 18.45
C GLY A 122 26.43 6.19 19.22
N LYS A 123 27.09 5.07 19.55
CA LYS A 123 28.42 5.09 20.15
C LYS A 123 29.45 5.79 19.27
N VAL A 124 29.20 5.81 17.97
CA VAL A 124 30.15 6.40 17.05
C VAL A 124 29.57 7.60 16.26
N TRP A 125 28.25 7.67 16.11
CA TRP A 125 27.59 8.78 15.42
C TRP A 125 26.45 9.14 16.30
N PRO A 126 26.69 10.00 17.30
CA PRO A 126 25.55 10.27 18.15
C PRO A 126 24.43 10.96 17.37
N LYS A 127 24.79 11.60 16.26
CA LYS A 127 23.81 12.25 15.40
C LYS A 127 24.24 11.88 14.02
N PHE A 128 23.29 11.79 13.09
CA PHE A 128 23.68 11.56 11.71
C PHE A 128 22.64 12.19 10.76
N ASP A 129 22.86 12.07 9.47
CA ASP A 129 22.06 12.86 8.52
C ASP A 129 21.10 12.07 7.63
N GLY A 130 20.74 10.86 8.08
CA GLY A 130 19.75 10.04 7.33
C GLY A 130 20.22 8.67 6.87
N PHE A 131 19.34 7.97 6.15
CA PHE A 131 19.65 6.61 5.73
C PHE A 131 18.99 6.25 4.42
N VAL A 132 19.60 5.27 3.77
CA VAL A 132 19.14 4.69 2.56
C VAL A 132 18.58 3.30 2.85
N HIS A 133 17.29 3.13 2.55
CA HIS A 133 16.55 1.91 2.83
C HIS A 133 16.39 1.22 1.51
N SER A 134 17.09 0.11 1.34
CA SER A 134 17.11 -0.54 0.03
C SER A 134 16.92 -2.01 0.30
N ILE A 135 15.69 -2.32 0.74
CA ILE A 135 15.38 -3.57 1.42
C ILE A 135 13.97 -3.98 1.09
N GLY A 136 13.79 -5.26 0.81
CA GLY A 136 12.43 -5.80 0.81
C GLY A 136 12.52 -7.26 0.54
N PHE A 137 11.42 -7.98 0.73
CA PHE A 137 11.39 -9.43 0.55
C PHE A 137 9.94 -9.87 0.44
N ALA A 138 9.71 -10.91 -0.36
CA ALA A 138 8.45 -11.67 -0.29
C ALA A 138 8.85 -13.13 -0.46
N PRO A 139 8.13 -14.07 0.20
CA PRO A 139 8.44 -15.49 -0.06
C PRO A 139 8.35 -15.79 -1.56
N GLY A 140 9.23 -16.66 -2.05
CA GLY A 140 9.36 -16.93 -3.49
C GLY A 140 8.04 -17.34 -4.17
N ASP A 141 7.18 -18.10 -3.49
CA ASP A 141 5.93 -18.54 -4.10
C ASP A 141 4.99 -17.36 -4.44
N GLN A 142 5.24 -16.22 -3.80
CA GLN A 142 4.39 -15.03 -4.01
C GLN A 142 4.52 -14.42 -5.39
N LEU A 143 5.69 -14.62 -6.01
CA LEU A 143 6.16 -13.83 -7.18
C LEU A 143 6.19 -14.55 -8.53
N ASP A 144 5.24 -15.43 -8.74
CA ASP A 144 5.15 -16.23 -9.95
C ASP A 144 3.67 -16.64 -10.20
N GLY A 145 3.20 -16.45 -11.42
CA GLY A 145 1.83 -16.87 -11.79
C GLY A 145 0.73 -15.88 -11.40
N ASP A 146 -0.52 -16.29 -11.62
CA ASP A 146 -1.72 -15.49 -11.33
C ASP A 146 -1.63 -14.91 -9.91
N TYR A 147 -1.79 -13.59 -9.81
CA TYR A 147 -1.67 -12.89 -8.51
C TYR A 147 -2.69 -13.41 -7.53
N VAL A 148 -3.92 -13.51 -7.97
CA VAL A 148 -4.95 -13.91 -7.02
C VAL A 148 -4.68 -15.36 -6.47
N ASN A 149 -4.25 -16.27 -7.33
CA ASN A 149 -3.95 -17.63 -6.85
C ASN A 149 -2.66 -17.70 -6.02
N ALA A 150 -1.65 -16.90 -6.39
CA ALA A 150 -0.39 -16.89 -5.65
C ALA A 150 -0.48 -16.27 -4.25
N VAL A 151 -1.21 -15.18 -4.08
CA VAL A 151 -1.13 -14.45 -2.81
C VAL A 151 -1.72 -15.25 -1.65
N THR A 152 -1.10 -15.18 -0.46
CA THR A 152 -1.68 -15.77 0.74
C THR A 152 -1.58 -14.73 1.85
N ARG A 153 -2.35 -14.92 2.92
CA ARG A 153 -2.33 -14.02 4.08
C ARG A 153 -0.92 -13.84 4.62
N GLU A 154 -0.20 -14.97 4.75
CA GLU A 154 1.17 -14.96 5.28
C GLU A 154 2.16 -14.31 4.32
N GLY A 155 2.06 -14.62 3.03
CA GLY A 155 2.91 -13.95 2.04
C GLY A 155 2.74 -12.42 2.00
N PHE A 156 1.48 -11.99 2.07
CA PHE A 156 1.11 -10.56 2.11
C PHE A 156 1.67 -9.92 3.36
N LYS A 157 1.56 -10.63 4.48
CA LYS A 157 1.98 -10.07 5.74
C LYS A 157 3.50 -9.81 5.71
N ILE A 158 4.26 -10.78 5.21
CA ILE A 158 5.73 -10.70 5.18
C ILE A 158 6.18 -9.64 4.18
N ALA A 159 5.60 -9.65 2.97
CA ALA A 159 5.95 -8.66 1.95
C ALA A 159 5.77 -7.23 2.47
N HIS A 160 4.65 -6.97 3.14
CA HIS A 160 4.34 -5.63 3.66
C HIS A 160 5.22 -5.30 4.84
N ASP A 161 5.45 -6.29 5.69
CA ASP A 161 6.27 -6.06 6.90
C ASP A 161 7.72 -5.71 6.55
N ILE A 162 8.35 -6.53 5.73
CA ILE A 162 9.77 -6.34 5.41
C ILE A 162 9.97 -5.18 4.42
N SER A 163 9.03 -5.02 3.48
CA SER A 163 9.26 -4.12 2.35
C SER A 163 8.65 -2.74 2.57
N SER A 164 7.76 -2.58 3.55
CA SER A 164 7.13 -1.28 3.80
C SER A 164 7.25 -0.84 5.24
N TYR A 165 6.76 -1.67 6.17
CA TYR A 165 6.87 -1.34 7.55
C TYR A 165 8.29 -1.05 8.03
N SER A 166 9.28 -1.75 7.50
CA SER A 166 10.63 -1.56 7.95
C SER A 166 11.19 -0.16 7.73
N PHE A 167 10.70 0.57 6.70
CA PHE A 167 11.17 1.95 6.46
C PHE A 167 10.81 2.83 7.66
N VAL A 168 9.56 2.78 8.09
CA VAL A 168 9.16 3.62 9.19
C VAL A 168 9.69 3.06 10.50
N ALA A 169 9.86 1.72 10.58
CA ALA A 169 10.46 1.10 11.77
C ALA A 169 11.87 1.70 12.03
N MET A 170 12.69 1.76 10.98
CA MET A 170 14.00 2.39 11.12
C MET A 170 13.89 3.87 11.50
N ALA A 171 12.95 4.59 10.88
CA ALA A 171 12.78 6.02 11.20
C ALA A 171 12.43 6.22 12.66
N LYS A 172 11.55 5.37 13.18
CA LYS A 172 11.10 5.52 14.58
C LYS A 172 12.28 5.32 15.55
N ALA A 173 13.11 4.32 15.26
CA ALA A 173 14.20 3.94 16.16
C ALA A 173 15.35 4.95 16.15
N CYS A 174 15.51 5.71 15.08
CA CYS A 174 16.61 6.66 15.02
C CYS A 174 16.15 8.11 15.06
N ARG A 175 14.88 8.36 15.34
CA ARG A 175 14.29 9.69 15.19
C ARG A 175 15.05 10.83 15.88
N SER A 176 15.29 10.68 17.18
CA SER A 176 16.04 11.67 17.94
C SER A 176 17.53 11.79 17.54
N MET A 177 18.00 10.88 16.70
CA MET A 177 19.37 10.93 16.28
C MET A 177 19.60 11.75 15.01
N LEU A 178 18.53 12.19 14.35
CA LEU A 178 18.67 12.83 13.04
C LEU A 178 18.92 14.34 13.17
N ASN A 179 19.95 14.85 12.51
CA ASN A 179 20.17 16.30 12.45
C ASN A 179 19.08 17.01 11.63
N PRO A 180 18.81 18.29 11.96
CA PRO A 180 18.11 19.12 10.98
C PRO A 180 18.81 18.99 9.62
N GLY A 181 18.05 18.93 8.53
CA GLY A 181 18.62 18.78 7.19
C GLY A 181 18.81 17.32 6.75
N SER A 182 18.39 16.37 7.58
CA SER A 182 18.47 14.93 7.31
C SER A 182 17.54 14.52 6.16
N ALA A 183 17.92 13.47 5.44
CA ALA A 183 17.10 12.93 4.34
C ALA A 183 17.04 11.43 4.42
N LEU A 184 15.82 10.89 4.25
CA LEU A 184 15.63 9.44 4.18
C LEU A 184 15.20 9.06 2.78
N LEU A 185 15.65 7.89 2.35
CA LEU A 185 15.48 7.46 0.99
C LEU A 185 15.09 6.00 1.00
N THR A 186 14.11 5.65 0.17
CA THR A 186 13.76 4.23 -0.05
C THR A 186 13.69 3.93 -1.54
N LEU A 187 13.62 2.65 -1.91
CA LEU A 187 13.54 2.24 -3.31
C LEU A 187 12.23 1.55 -3.64
N SER A 188 11.60 2.03 -4.70
CA SER A 188 10.31 1.50 -5.13
C SER A 188 10.38 1.14 -6.58
N TYR A 189 9.23 0.80 -7.14
CA TYR A 189 9.18 0.27 -8.47
C TYR A 189 7.79 0.49 -9.04
N LEU A 190 7.70 0.50 -10.38
CA LEU A 190 6.47 0.87 -11.10
C LEU A 190 5.28 -0.04 -10.71
N GLY A 191 5.59 -1.26 -10.26
CA GLY A 191 4.58 -2.22 -9.81
C GLY A 191 3.75 -1.67 -8.67
N ALA A 192 4.22 -0.62 -8.01
CA ALA A 192 3.40 0.07 -7.00
C ALA A 192 2.18 0.75 -7.65
N GLU A 193 2.36 1.22 -8.90
CA GLU A 193 1.39 2.07 -9.62
C GLU A 193 0.64 1.32 -10.74
N ARG A 194 1.26 0.30 -11.35
CA ARG A 194 0.65 -0.53 -12.37
C ARG A 194 0.67 -1.98 -11.92
N ALA A 195 -0.27 -2.77 -12.45
CA ALA A 195 -0.27 -4.21 -12.22
C ALA A 195 0.72 -4.81 -13.19
N ILE A 196 1.80 -5.40 -12.68
CA ILE A 196 2.84 -6.02 -13.52
C ILE A 196 2.75 -7.54 -13.27
N PRO A 197 2.70 -8.36 -14.33
CA PRO A 197 2.62 -9.81 -14.15
C PRO A 197 3.72 -10.32 -13.23
N ASN A 198 3.39 -11.27 -12.36
CA ASN A 198 4.35 -11.92 -11.44
C ASN A 198 4.83 -11.07 -10.29
N TYR A 199 4.89 -9.75 -10.47
CA TYR A 199 5.33 -8.88 -9.39
C TYR A 199 4.35 -9.00 -8.20
N ASN A 200 3.06 -9.20 -8.51
CA ASN A 200 2.08 -9.71 -7.54
C ASN A 200 1.99 -8.94 -6.21
N VAL A 201 2.12 -9.62 -5.06
CA VAL A 201 1.89 -8.89 -3.79
C VAL A 201 2.96 -7.80 -3.49
N MET A 202 4.12 -7.91 -4.11
CA MET A 202 5.16 -6.87 -3.91
C MET A 202 4.65 -5.52 -4.44
N GLY A 203 3.78 -5.54 -5.45
CA GLY A 203 3.18 -4.28 -5.96
C GLY A 203 2.40 -3.56 -4.88
N LEU A 204 1.65 -4.34 -4.09
CA LEU A 204 0.90 -3.82 -3.00
C LEU A 204 1.82 -3.33 -1.88
N ALA A 205 2.88 -4.10 -1.58
CA ALA A 205 3.84 -3.68 -0.54
C ALA A 205 4.53 -2.36 -0.96
N LYS A 206 4.84 -2.23 -2.23
CA LYS A 206 5.51 -1.02 -2.76
C LYS A 206 4.54 0.19 -2.73
N ALA A 207 3.26 -0.08 -2.96
CA ALA A 207 2.27 1.01 -2.89
C ALA A 207 2.14 1.51 -1.45
N SER A 208 2.12 0.55 -0.52
CA SER A 208 2.16 0.84 0.90
C SER A 208 3.44 1.67 1.24
N LEU A 209 4.60 1.23 0.73
CA LEU A 209 5.88 1.93 0.95
C LEU A 209 5.84 3.39 0.45
N GLU A 210 5.26 3.58 -0.73
CA GLU A 210 5.19 4.95 -1.32
C GLU A 210 4.25 5.87 -0.50
N ALA A 211 3.16 5.29 0.01
CA ALA A 211 2.32 6.04 0.95
C ALA A 211 3.09 6.34 2.24
N ASN A 212 3.90 5.38 2.69
CA ASN A 212 4.69 5.54 3.90
C ASN A 212 5.66 6.76 3.75
N VAL A 213 6.28 6.88 2.58
CA VAL A 213 7.12 8.05 2.21
C VAL A 213 6.37 9.37 2.46
N ARG A 214 5.12 9.43 1.99
CA ARG A 214 4.31 10.65 2.15
C ARG A 214 3.94 10.92 3.59
N TYR A 215 3.47 9.90 4.28
CA TYR A 215 3.14 10.04 5.67
C TYR A 215 4.39 10.38 6.52
N MET A 216 5.50 9.72 6.23
CA MET A 216 6.74 10.04 6.98
C MET A 216 7.23 11.47 6.67
N ALA A 217 7.17 11.87 5.39
CA ALA A 217 7.58 13.21 4.99
C ALA A 217 6.77 14.24 5.78
N ASN A 218 5.48 13.98 5.89
CA ASN A 218 4.58 14.90 6.54
C ASN A 218 4.84 14.96 8.05
N ALA A 219 5.09 13.80 8.67
CA ALA A 219 5.34 13.73 10.11
C ALA A 219 6.65 14.36 10.54
N MET A 220 7.69 14.18 9.76
CA MET A 220 9.05 14.50 10.21
C MET A 220 9.59 15.80 9.62
N GLY A 221 8.90 16.33 8.62
CA GLY A 221 9.25 17.62 8.00
C GLY A 221 9.47 18.73 9.02
N PRO A 222 8.53 18.94 9.95
CA PRO A 222 8.72 20.00 10.97
C PRO A 222 9.98 19.89 11.83
N GLU A 223 10.61 18.70 11.91
CA GLU A 223 11.91 18.56 12.59
C GLU A 223 13.10 18.63 11.63
N GLY A 224 12.85 19.03 10.39
CA GLY A 224 13.92 19.23 9.42
C GLY A 224 14.35 17.98 8.68
N VAL A 225 13.47 16.97 8.58
CA VAL A 225 13.79 15.71 7.90
C VAL A 225 12.96 15.55 6.62
N ARG A 226 13.63 15.25 5.50
CA ARG A 226 12.93 14.97 4.23
C ARG A 226 12.92 13.47 3.97
N VAL A 227 11.92 13.01 3.21
CA VAL A 227 11.73 11.58 2.96
C VAL A 227 11.24 11.44 1.54
N ASN A 228 12.00 10.71 0.71
CA ASN A 228 11.65 10.51 -0.68
C ASN A 228 11.83 9.05 -1.10
N ALA A 229 11.37 8.70 -2.30
CA ALA A 229 11.64 7.40 -2.90
C ALA A 229 12.17 7.56 -4.27
N ILE A 230 12.99 6.60 -4.72
CA ILE A 230 13.30 6.50 -6.12
C ILE A 230 12.51 5.30 -6.63
N SER A 231 11.83 5.46 -7.76
CA SER A 231 11.18 4.35 -8.41
C SER A 231 12.09 4.00 -9.55
N ALA A 232 12.91 2.98 -9.36
CA ALA A 232 13.94 2.70 -10.35
C ALA A 232 13.38 1.80 -11.43
N GLY A 233 13.86 1.97 -12.66
CA GLY A 233 13.60 1.04 -13.74
C GLY A 233 14.30 -0.30 -13.46
N PRO A 234 13.93 -1.35 -14.20
CA PRO A 234 14.57 -2.64 -13.90
C PRO A 234 16.04 -2.58 -14.33
N ILE A 235 16.92 -3.11 -13.50
CA ILE A 235 18.36 -3.05 -13.80
C ILE A 235 18.85 -4.35 -14.45
N ARG A 236 19.60 -4.29 -15.56
CA ARG A 236 20.03 -5.52 -16.28
C ARG A 236 20.74 -6.58 -15.42
N GLU A 254 14.01 -1.79 -22.86
CA GLU A 254 15.13 -1.17 -23.59
C GLU A 254 14.68 -0.48 -24.87
N ALA A 255 13.92 -1.20 -25.69
CA ALA A 255 13.47 -0.63 -26.97
C ALA A 255 12.32 0.37 -26.80
N VAL A 256 11.71 0.37 -25.62
CA VAL A 256 10.49 1.15 -25.40
C VAL A 256 10.72 2.35 -24.47
N THR A 257 11.85 2.33 -23.75
CA THR A 257 12.26 3.41 -22.88
C THR A 257 12.73 4.61 -23.73
N PRO A 258 12.23 5.81 -23.41
CA PRO A 258 12.62 7.02 -24.17
C PRO A 258 14.12 7.16 -24.39
N ILE A 259 14.92 6.97 -23.33
CA ILE A 259 16.38 7.05 -23.42
C ILE A 259 17.01 5.82 -24.07
N ARG A 260 16.20 4.81 -24.42
CA ARG A 260 16.66 3.67 -25.21
C ARG A 260 17.65 2.77 -24.50
N ARG A 261 17.64 2.78 -23.18
CA ARG A 261 18.45 1.85 -22.43
C ARG A 261 17.81 1.70 -21.07
N THR A 262 18.19 0.66 -20.35
CA THR A 262 17.79 0.50 -18.95
C THR A 262 18.76 1.36 -18.12
N VAL A 263 18.29 1.81 -16.96
CA VAL A 263 19.13 2.59 -16.07
C VAL A 263 20.12 1.63 -15.43
N THR A 264 21.21 2.17 -14.90
CA THR A 264 22.25 1.39 -14.26
C THR A 264 22.27 1.79 -12.83
N ILE A 265 22.97 1.02 -12.00
CA ILE A 265 23.07 1.34 -10.58
C ILE A 265 23.85 2.67 -10.38
N GLU A 266 24.68 3.05 -11.35
CA GLU A 266 25.30 4.41 -11.37
C GLU A 266 24.24 5.55 -11.52
N ASP A 267 23.31 5.40 -12.45
CA ASP A 267 22.18 6.32 -12.59
C ASP A 267 21.42 6.40 -11.31
N VAL A 268 21.04 5.24 -10.77
CA VAL A 268 20.27 5.20 -9.55
C VAL A 268 21.06 5.81 -8.41
N GLY A 269 22.34 5.44 -8.32
CA GLY A 269 23.20 5.98 -7.29
C GLY A 269 23.35 7.50 -7.28
N ASN A 270 23.54 8.10 -8.45
CA ASN A 270 23.68 9.56 -8.55
C ASN A 270 22.40 10.30 -8.11
N SER A 271 21.24 9.82 -8.55
CA SER A 271 19.92 10.34 -8.08
C SER A 271 19.76 10.20 -6.60
N ALA A 272 20.17 9.05 -6.06
CA ALA A 272 20.09 8.82 -4.60
C ALA A 272 20.97 9.81 -3.83
N ALA A 273 22.19 9.98 -4.31
CA ALA A 273 23.15 10.94 -3.69
C ALA A 273 22.53 12.35 -3.66
N PHE A 274 21.96 12.78 -4.77
CA PHE A 274 21.22 14.06 -4.85
C PHE A 274 20.12 14.16 -3.82
N LEU A 275 19.26 13.14 -3.78
CA LEU A 275 18.10 13.19 -2.88
C LEU A 275 18.43 13.15 -1.42
N CYS A 276 19.62 12.65 -1.08
CA CYS A 276 20.07 12.67 0.31
C CYS A 276 20.93 13.92 0.65
N SER A 277 21.18 14.76 -0.35
CA SER A 277 22.03 15.95 -0.16
C SER A 277 21.19 17.20 0.02
N ASP A 278 21.80 18.27 0.55
CA ASP A 278 21.18 19.58 0.66
C ASP A 278 20.78 20.20 -0.70
N LEU A 279 21.32 19.67 -1.80
CA LEU A 279 20.92 20.09 -3.14
C LEU A 279 19.40 19.88 -3.38
N SER A 280 18.82 18.88 -2.72
CA SER A 280 17.40 18.56 -2.88
C SER A 280 16.54 19.08 -1.72
N ALA A 281 17.00 20.16 -1.05
CA ALA A 281 16.30 20.73 0.12
C ALA A 281 14.83 21.03 -0.18
N GLY A 282 14.49 21.24 -1.44
CA GLY A 282 13.11 21.58 -1.78
C GLY A 282 12.18 20.38 -2.06
N ILE A 283 12.69 19.15 -1.94
CA ILE A 283 11.98 17.94 -2.41
C ILE A 283 11.67 17.04 -1.22
N SER A 284 10.39 16.84 -0.93
CA SER A 284 9.99 15.90 0.12
C SER A 284 8.66 15.24 -0.19
N GLY A 285 8.55 13.98 0.24
CA GLY A 285 7.40 13.13 -0.02
C GLY A 285 7.19 12.80 -1.48
N GLU A 286 8.29 12.80 -2.23
CA GLU A 286 8.25 12.61 -3.67
C GLU A 286 8.75 11.20 -4.04
N VAL A 287 8.09 10.57 -5.02
CA VAL A 287 8.59 9.37 -5.65
C VAL A 287 9.16 9.77 -6.99
N VAL A 288 10.48 9.83 -7.10
CA VAL A 288 11.11 10.24 -8.34
C VAL A 288 11.37 9.05 -9.26
N HIS A 289 10.87 9.11 -10.50
CA HIS A 289 11.06 8.00 -11.43
C HIS A 289 12.42 8.08 -12.06
N VAL A 290 13.26 7.09 -11.79
CA VAL A 290 14.59 7.01 -12.39
C VAL A 290 14.51 5.71 -13.22
N ASP A 291 13.77 5.78 -14.31
CA ASP A 291 13.51 4.63 -15.17
C ASP A 291 13.68 5.01 -16.64
N GLY A 292 14.33 6.14 -16.90
CA GLY A 292 14.60 6.53 -18.28
C GLY A 292 13.39 7.04 -19.04
N GLY A 293 12.31 7.35 -18.31
CA GLY A 293 11.05 7.75 -18.95
C GLY A 293 10.09 6.61 -19.26
N PHE A 294 10.45 5.37 -18.92
CA PHE A 294 9.61 4.23 -19.27
C PHE A 294 8.13 4.40 -18.91
N SER A 295 7.85 4.82 -17.69
CA SER A 295 6.47 4.86 -17.21
C SER A 295 5.58 5.95 -17.87
N ILE A 296 6.21 6.92 -18.55
CA ILE A 296 5.42 7.99 -19.14
C ILE A 296 5.12 7.73 -20.60
N ALA A 297 5.59 6.60 -21.14
CA ALA A 297 5.34 6.27 -22.56
C ALA A 297 4.32 5.14 -22.64
N ALA A 298 3.67 5.00 -23.78
CA ALA A 298 2.70 3.92 -23.99
C ALA A 298 2.60 3.62 -25.47
N MET A 299 2.54 2.33 -25.76
CA MET A 299 2.50 1.78 -27.12
C MET A 299 3.71 2.12 -27.99
N ASN A 300 4.82 2.48 -27.35
CA ASN A 300 6.08 2.65 -28.07
C ASN A 300 6.50 1.37 -28.78
N GLY B 45 -34.78 -2.60 -12.70
CA GLY B 45 -33.61 -1.72 -12.51
C GLY B 45 -32.40 -2.24 -13.24
N PHE B 46 -31.32 -1.45 -13.28
CA PHE B 46 -30.14 -1.81 -14.09
C PHE B 46 -29.25 -2.92 -13.44
N LEU B 47 -29.67 -3.37 -12.26
CA LEU B 47 -29.07 -4.55 -11.63
C LEU B 47 -29.95 -5.82 -11.68
N SER B 48 -31.04 -5.78 -12.45
CA SER B 48 -31.94 -6.94 -12.49
C SER B 48 -31.22 -8.18 -12.98
N GLY B 49 -31.40 -9.29 -12.26
CA GLY B 49 -30.71 -10.51 -12.64
C GLY B 49 -29.34 -10.64 -11.98
N LYS B 50 -29.02 -9.73 -11.07
CA LYS B 50 -27.72 -9.77 -10.38
C LYS B 50 -27.88 -10.23 -8.93
N ARG B 51 -26.93 -11.03 -8.49
CA ARG B 51 -26.83 -11.42 -7.08
C ARG B 51 -25.49 -10.91 -6.55
N ILE B 52 -25.58 -10.02 -5.58
CA ILE B 52 -24.43 -9.30 -5.05
C ILE B 52 -24.42 -9.50 -3.55
N LEU B 53 -23.27 -9.95 -3.04
CA LEU B 53 -22.97 -10.00 -1.58
C LEU B 53 -22.44 -8.65 -1.08
N VAL B 54 -23.00 -8.15 0.02
CA VAL B 54 -22.61 -6.88 0.59
C VAL B 54 -22.05 -7.10 2.01
N THR B 55 -20.78 -6.74 2.21
CA THR B 55 -20.16 -6.80 3.54
C THR B 55 -20.27 -5.43 4.21
N GLY B 56 -20.03 -5.37 5.52
CA GLY B 56 -19.87 -4.10 6.17
C GLY B 56 -21.10 -3.29 6.58
N VAL B 57 -22.29 -3.87 6.47
CA VAL B 57 -23.46 -3.16 7.00
C VAL B 57 -23.43 -3.26 8.53
N ALA B 58 -23.27 -2.12 9.20
CA ALA B 58 -23.21 -2.11 10.66
C ALA B 58 -24.33 -1.26 11.25
N SER B 59 -24.86 -0.32 10.45
CA SER B 59 -25.98 0.54 10.86
C SER B 59 -26.65 1.14 9.62
N LYS B 60 -27.67 1.98 9.85
CA LYS B 60 -28.39 2.65 8.74
C LYS B 60 -27.53 3.78 8.15
N LEU B 61 -26.51 4.19 8.90
CA LEU B 61 -25.53 5.18 8.44
C LEU B 61 -24.37 4.62 7.60
N SER B 62 -24.13 3.31 7.66
CA SER B 62 -23.01 2.69 6.96
C SER B 62 -23.06 2.99 5.48
N ILE B 63 -21.89 3.23 4.90
CA ILE B 63 -21.79 3.41 3.47
C ILE B 63 -22.34 2.16 2.79
N ALA B 64 -21.99 1.00 3.36
CA ALA B 64 -22.49 -0.27 2.83
C ALA B 64 -24.02 -0.29 2.85
N TYR B 65 -24.64 0.36 3.84
CA TYR B 65 -26.11 0.46 3.84
C TYR B 65 -26.64 1.23 2.61
N GLY B 66 -26.10 2.44 2.42
CA GLY B 66 -26.46 3.25 1.24
C GLY B 66 -26.24 2.49 -0.04
N ILE B 67 -25.14 1.73 -0.08
CA ILE B 67 -24.87 0.86 -1.23
C ILE B 67 -25.92 -0.24 -1.43
N ALA B 68 -26.22 -0.99 -0.36
CA ALA B 68 -27.28 -2.03 -0.44
C ALA B 68 -28.64 -1.44 -0.91
N GLN B 69 -29.02 -0.32 -0.33
CA GLN B 69 -30.26 0.38 -0.72
C GLN B 69 -30.35 0.70 -2.21
N ALA B 70 -29.27 1.26 -2.75
CA ALA B 70 -29.25 1.67 -4.14
C ALA B 70 -29.30 0.44 -5.02
N MET B 71 -28.54 -0.60 -4.63
CA MET B 71 -28.57 -1.85 -5.40
C MET B 71 -29.95 -2.53 -5.40
N HIS B 72 -30.61 -2.54 -4.25
CA HIS B 72 -31.95 -3.17 -4.14
C HIS B 72 -32.97 -2.39 -4.98
N ARG B 73 -33.00 -1.07 -4.81
CA ARG B 73 -33.74 -0.16 -5.72
C ARG B 73 -33.58 -0.51 -7.19
N GLU B 74 -32.39 -0.96 -7.59
CA GLU B 74 -32.12 -1.24 -8.99
C GLU B 74 -32.29 -2.69 -9.39
N GLY B 75 -32.95 -3.48 -8.53
CA GLY B 75 -33.36 -4.81 -8.94
C GLY B 75 -32.44 -5.95 -8.57
N ALA B 76 -31.39 -5.68 -7.76
CA ALA B 76 -30.45 -6.72 -7.35
C ALA B 76 -31.03 -7.58 -6.22
N GLU B 77 -30.77 -8.88 -6.27
CA GLU B 77 -30.96 -9.77 -5.11
C GLU B 77 -29.70 -9.74 -4.24
N LEU B 78 -29.86 -9.40 -2.96
CA LEU B 78 -28.74 -9.19 -2.05
C LEU B 78 -28.58 -10.31 -1.00
N ALA B 79 -27.34 -10.46 -0.53
CA ALA B 79 -26.97 -11.28 0.63
C ALA B 79 -26.09 -10.38 1.51
N PHE B 80 -26.02 -10.66 2.80
CA PHE B 80 -25.29 -9.82 3.71
C PHE B 80 -24.39 -10.64 4.63
N THR B 81 -23.24 -10.09 4.99
CA THR B 81 -22.44 -10.71 6.03
C THR B 81 -22.43 -9.80 7.25
N TYR B 82 -22.08 -10.35 8.39
CA TYR B 82 -21.86 -9.58 9.61
C TYR B 82 -20.63 -10.11 10.31
N GLN B 83 -19.94 -9.23 11.04
CA GLN B 83 -18.65 -9.56 11.63
C GLN B 83 -18.75 -10.47 12.85
N ASN B 84 -19.60 -10.09 13.80
CA ASN B 84 -19.78 -10.87 15.02
C ASN B 84 -21.24 -10.95 15.50
N ASP B 85 -21.47 -11.85 16.46
CA ASP B 85 -22.78 -12.10 17.07
C ASP B 85 -23.42 -10.83 17.63
N LYS B 86 -22.60 -9.89 18.07
CA LYS B 86 -23.11 -8.59 18.53
C LYS B 86 -24.01 -7.90 17.49
N LEU B 87 -23.78 -8.17 16.21
CA LEU B 87 -24.46 -7.50 15.11
C LEU B 87 -25.44 -8.38 14.35
N LYS B 88 -25.55 -9.64 14.73
CA LYS B 88 -26.35 -10.59 13.96
C LYS B 88 -27.81 -10.15 13.73
N GLY B 89 -28.47 -9.73 14.81
CA GLY B 89 -29.90 -9.35 14.76
C GLY B 89 -30.12 -8.11 13.92
N ARG B 90 -29.37 -7.05 14.25
CA ARG B 90 -29.43 -5.78 13.54
C ARG B 90 -29.27 -5.94 12.02
N VAL B 91 -28.32 -6.78 11.59
CA VAL B 91 -28.09 -6.99 10.17
C VAL B 91 -29.21 -7.81 9.53
N GLU B 92 -29.75 -8.78 10.25
CA GLU B 92 -30.97 -9.46 9.81
C GLU B 92 -32.14 -8.47 9.59
N GLU B 93 -32.26 -7.48 10.46
CA GLU B 93 -33.21 -6.39 10.34
C GLU B 93 -33.05 -5.60 9.02
N PHE B 94 -31.81 -5.27 8.66
CA PHE B 94 -31.57 -4.54 7.44
C PHE B 94 -31.83 -5.42 6.21
N ALA B 95 -31.32 -6.65 6.24
CA ALA B 95 -31.48 -7.56 5.13
C ALA B 95 -32.96 -7.77 4.78
N ALA B 96 -33.77 -7.87 5.84
CA ALA B 96 -35.23 -7.99 5.78
C ALA B 96 -35.83 -6.88 4.92
N GLN B 97 -35.54 -5.63 5.28
CA GLN B 97 -36.00 -4.48 4.51
C GLN B 97 -35.56 -4.46 3.04
N LEU B 98 -34.60 -5.32 2.68
CA LEU B 98 -34.00 -5.26 1.34
C LEU B 98 -34.18 -6.56 0.62
N GLY B 99 -35.25 -7.26 0.98
CA GLY B 99 -35.72 -8.42 0.28
C GLY B 99 -34.84 -9.64 0.45
N SER B 100 -34.09 -9.68 1.54
CA SER B 100 -33.09 -10.73 1.66
C SER B 100 -33.20 -11.49 2.95
N ASP B 101 -33.05 -12.80 2.89
CA ASP B 101 -32.83 -13.53 4.14
C ASP B 101 -31.55 -14.36 4.09
N ILE B 102 -30.59 -13.91 3.30
CA ILE B 102 -29.27 -14.53 3.25
C ILE B 102 -28.32 -13.68 4.08
N VAL B 103 -28.10 -14.13 5.32
CA VAL B 103 -27.34 -13.36 6.34
C VAL B 103 -26.33 -14.23 7.08
N LEU B 104 -25.05 -13.97 6.81
CA LEU B 104 -23.98 -14.92 7.11
C LEU B 104 -22.86 -14.28 7.92
N GLN B 105 -22.39 -15.00 8.94
CA GLN B 105 -21.26 -14.52 9.73
C GLN B 105 -19.96 -14.63 8.93
N CYS B 106 -19.13 -13.61 9.01
CA CYS B 106 -17.81 -13.67 8.35
C CYS B 106 -16.85 -12.71 9.03
N ASP B 107 -15.81 -13.27 9.64
CA ASP B 107 -14.71 -12.48 10.18
C ASP B 107 -13.53 -12.62 9.22
N VAL B 108 -13.19 -11.54 8.51
CA VAL B 108 -12.14 -11.60 7.48
C VAL B 108 -10.70 -11.76 8.06
N ALA B 109 -10.54 -11.68 9.36
CA ALA B 109 -9.26 -12.03 9.98
C ALA B 109 -8.97 -13.55 9.85
N GLU B 110 -9.99 -14.36 9.54
CA GLU B 110 -9.78 -15.83 9.47
C GLU B 110 -10.13 -16.42 8.12
N ASP B 111 -9.17 -17.15 7.57
CA ASP B 111 -9.36 -17.87 6.30
C ASP B 111 -10.51 -18.90 6.39
N ALA B 112 -10.61 -19.58 7.53
CA ALA B 112 -11.68 -20.58 7.76
C ALA B 112 -13.08 -19.94 7.83
N SER B 113 -13.21 -18.81 8.51
CA SER B 113 -14.48 -18.08 8.51
C SER B 113 -14.95 -17.64 7.08
N ILE B 114 -14.04 -17.13 6.25
CA ILE B 114 -14.35 -16.74 4.87
C ILE B 114 -14.77 -17.95 4.04
N ASP B 115 -13.99 -19.03 4.17
CA ASP B 115 -14.29 -20.28 3.49
C ASP B 115 -15.66 -20.85 3.89
N THR B 116 -15.96 -20.85 5.19
CA THR B 116 -17.23 -21.41 5.62
C THR B 116 -18.42 -20.48 5.24
N MET B 117 -18.21 -19.15 5.25
CA MET B 117 -19.25 -18.24 4.75
C MET B 117 -19.59 -18.51 3.27
N PHE B 118 -18.57 -18.64 2.42
CA PHE B 118 -18.87 -18.86 0.99
C PHE B 118 -19.47 -20.25 0.71
N ALA B 119 -19.21 -21.19 1.61
CA ALA B 119 -19.84 -22.52 1.53
C ALA B 119 -21.32 -22.41 1.84
N GLU B 120 -21.66 -21.70 2.90
CA GLU B 120 -23.06 -21.46 3.24
C GLU B 120 -23.79 -20.72 2.09
N LEU B 121 -23.14 -19.67 1.57
CA LEU B 121 -23.71 -18.89 0.49
C LEU B 121 -23.95 -19.78 -0.72
N GLY B 122 -23.02 -20.70 -0.98
CA GLY B 122 -23.11 -21.59 -2.11
C GLY B 122 -24.36 -22.46 -2.07
N LYS B 123 -24.98 -22.60 -0.91
CA LYS B 123 -26.18 -23.42 -0.80
C LYS B 123 -27.43 -22.73 -1.34
N VAL B 124 -27.45 -21.39 -1.24
CA VAL B 124 -28.51 -20.58 -1.83
C VAL B 124 -28.09 -20.08 -3.23
N TRP B 125 -26.82 -19.69 -3.37
CA TRP B 125 -26.32 -19.16 -4.64
C TRP B 125 -25.14 -19.94 -5.12
N PRO B 126 -25.35 -21.02 -5.91
CA PRO B 126 -24.11 -21.69 -6.35
C PRO B 126 -23.21 -20.77 -7.20
N LYS B 127 -23.84 -19.79 -7.87
CA LYS B 127 -23.17 -18.77 -8.69
C LYS B 127 -23.72 -17.44 -8.26
N PHE B 128 -22.88 -16.39 -8.33
CA PHE B 128 -23.35 -15.03 -8.10
C PHE B 128 -22.46 -14.02 -8.85
N ASP B 129 -22.72 -12.73 -8.63
CA ASP B 129 -22.26 -11.73 -9.59
C ASP B 129 -21.36 -10.68 -8.95
N GLY B 130 -20.85 -10.98 -7.77
CA GLY B 130 -19.76 -10.22 -7.20
C GLY B 130 -20.11 -9.75 -5.82
N PHE B 131 -19.26 -8.88 -5.27
CA PHE B 131 -19.46 -8.45 -3.92
C PHE B 131 -18.90 -7.04 -3.67
N VAL B 132 -19.41 -6.42 -2.62
CA VAL B 132 -18.98 -5.14 -2.13
C VAL B 132 -18.26 -5.36 -0.80
N HIS B 133 -17.04 -4.85 -0.76
CA HIS B 133 -16.11 -4.94 0.36
C HIS B 133 -16.05 -3.56 0.95
N SER B 134 -16.56 -3.42 2.16
CA SER B 134 -16.71 -2.13 2.77
C SER B 134 -16.33 -2.39 4.22
N ILE B 135 -15.06 -2.72 4.40
CA ILE B 135 -14.51 -3.32 5.61
C ILE B 135 -13.14 -2.71 5.79
N GLY B 136 -12.78 -2.39 7.02
CA GLY B 136 -11.43 -1.94 7.31
C GLY B 136 -11.35 -1.63 8.78
N PHE B 137 -10.13 -1.59 9.32
CA PHE B 137 -9.92 -1.44 10.75
C PHE B 137 -8.43 -1.21 11.02
N ALA B 138 -8.15 -0.29 11.93
CA ALA B 138 -6.84 -0.23 12.59
C ALA B 138 -7.09 -0.10 14.08
N PRO B 139 -6.22 -0.69 14.92
CA PRO B 139 -6.44 -0.42 16.36
C PRO B 139 -6.45 1.10 16.59
N GLY B 140 -7.28 1.55 17.52
CA GLY B 140 -7.55 2.97 17.74
C GLY B 140 -6.37 3.89 17.95
N ASP B 141 -5.40 3.48 18.76
CA ASP B 141 -4.22 4.35 18.97
C ASP B 141 -3.28 4.44 17.76
N GLN B 142 -3.56 3.71 16.68
CA GLN B 142 -2.87 3.96 15.42
C GLN B 142 -3.29 5.29 14.80
N LEU B 143 -4.53 5.72 15.09
CA LEU B 143 -5.23 6.79 14.37
C LEU B 143 -5.25 8.14 15.09
N ASP B 144 -4.27 8.40 15.93
CA ASP B 144 -4.25 9.65 16.67
C ASP B 144 -2.83 10.15 16.76
N GLY B 145 -2.59 11.40 16.39
CA GLY B 145 -1.30 12.01 16.60
C GLY B 145 -0.29 11.73 15.52
N ASP B 146 0.96 12.11 15.79
CA ASP B 146 2.04 12.00 14.87
C ASP B 146 2.17 10.55 14.37
N TYR B 147 2.22 10.38 13.05
CA TYR B 147 2.20 9.06 12.42
C TYR B 147 3.40 8.18 12.86
N VAL B 148 4.61 8.73 12.71
CA VAL B 148 5.83 8.01 13.04
C VAL B 148 5.83 7.54 14.50
N ASN B 149 5.36 8.39 15.41
CA ASN B 149 5.17 7.97 16.81
C ASN B 149 4.08 6.94 17.08
N ALA B 150 2.92 7.07 16.43
CA ALA B 150 1.79 6.16 16.68
C ALA B 150 1.97 4.76 16.09
N VAL B 151 2.48 4.68 14.86
CA VAL B 151 2.57 3.40 14.12
C VAL B 151 3.44 2.37 14.87
N THR B 152 2.96 1.13 14.93
CA THR B 152 3.73 -0.01 15.45
C THR B 152 3.71 -1.12 14.43
N ARG B 153 4.59 -2.11 14.58
CA ARG B 153 4.58 -3.29 13.69
C ARG B 153 3.20 -4.02 13.70
N GLU B 154 2.64 -4.22 14.88
CA GLU B 154 1.37 -4.92 15.02
C GLU B 154 0.18 -4.08 14.49
N GLY B 155 0.18 -2.79 14.78
CA GLY B 155 -0.85 -1.89 14.26
C GLY B 155 -0.84 -1.85 12.74
N PHE B 156 0.36 -1.79 12.15
CA PHE B 156 0.57 -1.84 10.69
C PHE B 156 0.04 -3.16 10.10
N LYS B 157 0.38 -4.27 10.76
CA LYS B 157 0.02 -5.62 10.33
C LYS B 157 -1.50 -5.74 10.21
N ILE B 158 -2.18 -5.34 11.29
CA ILE B 158 -3.62 -5.49 11.37
C ILE B 158 -4.34 -4.60 10.34
N ALA B 159 -3.93 -3.33 10.28
CA ALA B 159 -4.49 -2.39 9.31
C ALA B 159 -4.43 -2.92 7.92
N HIS B 160 -3.28 -3.44 7.51
CA HIS B 160 -3.12 -4.01 6.15
C HIS B 160 -3.87 -5.31 5.96
N ASP B 161 -3.83 -6.20 6.94
CA ASP B 161 -4.54 -7.48 6.86
C ASP B 161 -6.06 -7.31 6.71
N ILE B 162 -6.66 -6.52 7.60
CA ILE B 162 -8.10 -6.32 7.62
C ILE B 162 -8.62 -5.38 6.49
N SER B 163 -7.87 -4.32 6.17
CA SER B 163 -8.38 -3.32 5.22
C SER B 163 -7.93 -3.58 3.79
N SER B 164 -6.89 -4.38 3.60
CA SER B 164 -6.42 -4.62 2.24
C SER B 164 -6.39 -6.10 1.87
N TYR B 165 -5.65 -6.92 2.65
CA TYR B 165 -5.59 -8.36 2.29
C TYR B 165 -6.99 -9.00 2.18
N SER B 166 -7.89 -8.65 3.10
CA SER B 166 -9.25 -9.22 3.10
C SER B 166 -9.99 -9.10 1.78
N PHE B 167 -9.75 -8.03 1.03
CA PHE B 167 -10.39 -7.89 -0.28
C PHE B 167 -10.03 -9.05 -1.23
N VAL B 168 -8.75 -9.39 -1.29
CA VAL B 168 -8.31 -10.45 -2.18
C VAL B 168 -8.62 -11.82 -1.58
N ALA B 169 -8.58 -11.92 -0.24
CA ALA B 169 -8.97 -13.17 0.50
C ALA B 169 -10.39 -13.59 0.11
N MET B 170 -11.33 -12.66 0.18
CA MET B 170 -12.68 -12.82 -0.36
C MET B 170 -12.74 -13.21 -1.82
N ALA B 171 -12.02 -12.53 -2.72
CA ALA B 171 -11.98 -12.94 -4.12
C ALA B 171 -11.46 -14.35 -4.34
N LYS B 172 -10.37 -14.72 -3.64
CA LYS B 172 -9.81 -16.08 -3.73
C LYS B 172 -10.86 -17.14 -3.34
N ALA B 173 -11.60 -16.87 -2.27
CA ALA B 173 -12.55 -17.85 -1.73
C ALA B 173 -13.84 -18.02 -2.60
N CYS B 174 -14.22 -17.00 -3.38
CA CYS B 174 -15.39 -17.16 -4.23
C CYS B 174 -15.08 -17.13 -5.72
N ARG B 175 -13.80 -17.15 -6.07
CA ARG B 175 -13.41 -17.06 -7.47
C ARG B 175 -14.17 -18.00 -8.43
N SER B 176 -14.33 -19.27 -8.02
CA SER B 176 -14.98 -20.28 -8.86
C SER B 176 -16.50 -20.11 -8.89
N MET B 177 -17.04 -19.31 -7.97
CA MET B 177 -18.46 -19.05 -7.90
C MET B 177 -18.93 -17.89 -8.79
N LEU B 178 -18.00 -17.02 -9.24
CA LEU B 178 -18.40 -15.81 -9.97
C LEU B 178 -18.87 -16.10 -11.37
N ASN B 179 -20.02 -15.53 -11.73
CA ASN B 179 -20.43 -15.55 -13.13
C ASN B 179 -19.51 -14.70 -14.02
N PRO B 180 -19.40 -15.04 -15.31
CA PRO B 180 -18.94 -14.01 -16.25
C PRO B 180 -19.76 -12.72 -16.10
N GLY B 181 -19.10 -11.57 -16.20
CA GLY B 181 -19.80 -10.30 -16.00
C GLY B 181 -19.89 -9.86 -14.55
N SER B 182 -19.17 -10.54 -13.66
CA SER B 182 -19.14 -10.17 -12.23
C SER B 182 -18.32 -8.90 -12.01
N ALA B 183 -18.60 -8.21 -10.90
CA ALA B 183 -17.88 -7.01 -10.52
C ALA B 183 -17.61 -7.03 -9.03
N LEU B 184 -16.39 -6.68 -8.64
CA LEU B 184 -16.03 -6.57 -7.22
C LEU B 184 -15.82 -5.12 -6.92
N LEU B 185 -16.21 -4.67 -5.73
CA LEU B 185 -16.05 -3.27 -5.44
C LEU B 185 -15.51 -3.14 -4.03
N THR B 186 -14.54 -2.24 -3.87
CA THR B 186 -14.13 -1.84 -2.54
C THR B 186 -14.19 -0.32 -2.34
N LEU B 187 -14.06 0.09 -1.09
CA LEU B 187 -14.11 1.48 -0.66
C LEU B 187 -12.75 1.98 -0.16
N SER B 188 -12.20 2.99 -0.84
CA SER B 188 -10.96 3.63 -0.42
C SER B 188 -11.22 5.06 0.00
N TYR B 189 -10.12 5.79 0.24
CA TYR B 189 -10.15 7.16 0.77
C TYR B 189 -8.91 7.92 0.31
N LEU B 190 -9.02 9.23 0.21
CA LEU B 190 -7.93 10.10 -0.26
C LEU B 190 -6.61 9.96 0.53
N GLY B 191 -6.71 9.50 1.78
CA GLY B 191 -5.53 9.18 2.57
C GLY B 191 -4.60 8.18 1.90
N ALA B 192 -5.09 7.42 0.91
CA ALA B 192 -4.22 6.50 0.16
C ALA B 192 -3.20 7.29 -0.69
N GLU B 193 -3.62 8.47 -1.14
CA GLU B 193 -2.85 9.30 -2.09
C GLU B 193 -2.15 10.46 -1.41
N ARG B 194 -2.72 10.99 -0.33
CA ARG B 194 -2.17 12.15 0.37
C ARG B 194 -1.97 11.81 1.84
N ALA B 195 -1.02 12.49 2.46
CA ALA B 195 -0.80 12.36 3.88
C ALA B 195 -1.83 13.23 4.60
N ILE B 196 -2.75 12.57 5.29
CA ILE B 196 -3.76 13.24 6.08
C ILE B 196 -3.44 13.05 7.58
N PRO B 197 -3.46 14.15 8.35
CA PRO B 197 -3.15 14.04 9.78
C PRO B 197 -4.06 13.01 10.42
N ASN B 198 -3.52 12.21 11.34
CA ASN B 198 -4.26 11.20 12.12
C ASN B 198 -4.74 9.99 11.33
N TYR B 199 -4.92 10.09 10.03
CA TYR B 199 -5.27 8.88 9.28
C TYR B 199 -4.16 7.83 9.35
N ASN B 200 -2.93 8.33 9.38
CA ASN B 200 -1.73 7.54 9.68
C ASN B 200 -1.63 6.21 8.91
N VAL B 201 -1.57 5.09 9.65
CA VAL B 201 -1.25 3.81 8.99
C VAL B 201 -2.39 3.32 8.06
N MET B 202 -3.59 3.85 8.24
CA MET B 202 -4.69 3.49 7.35
C MET B 202 -4.45 4.00 5.93
N GLY B 203 -3.73 5.11 5.83
CA GLY B 203 -3.26 5.66 4.53
C GLY B 203 -2.44 4.65 3.75
N LEU B 204 -1.54 3.98 4.43
CA LEU B 204 -0.74 2.91 3.78
C LEU B 204 -1.60 1.68 3.39
N ALA B 205 -2.51 1.29 4.30
CA ALA B 205 -3.39 0.13 4.03
C ALA B 205 -4.30 0.39 2.83
N LYS B 206 -4.81 1.62 2.73
CA LYS B 206 -5.67 2.04 1.59
C LYS B 206 -4.84 2.12 0.33
N ALA B 207 -3.58 2.51 0.45
CA ALA B 207 -2.71 2.52 -0.79
C ALA B 207 -2.48 1.08 -1.27
N SER B 208 -2.22 0.18 -0.31
CA SER B 208 -2.11 -1.28 -0.57
C SER B 208 -3.44 -1.79 -1.20
N LEU B 209 -4.58 -1.35 -0.64
CA LEU B 209 -5.90 -1.68 -1.16
C LEU B 209 -6.08 -1.27 -2.62
N GLU B 210 -5.70 -0.04 -2.98
CA GLU B 210 -5.92 0.44 -4.35
C GLU B 210 -5.01 -0.29 -5.34
N ALA B 211 -3.79 -0.62 -4.90
CA ALA B 211 -2.91 -1.49 -5.71
C ALA B 211 -3.57 -2.88 -5.89
N ASN B 212 -4.23 -3.35 -4.84
CA ASN B 212 -4.91 -4.65 -4.81
C ASN B 212 -6.02 -4.66 -5.88
N VAL B 213 -6.76 -3.56 -5.98
CA VAL B 213 -7.76 -3.35 -7.05
C VAL B 213 -7.16 -3.58 -8.43
N ARG B 214 -6.00 -2.98 -8.66
CA ARG B 214 -5.30 -3.07 -9.93
C ARG B 214 -4.80 -4.48 -10.23
N TYR B 215 -4.14 -5.10 -9.26
CA TYR B 215 -3.63 -6.46 -9.43
C TYR B 215 -4.79 -7.47 -9.56
N MET B 216 -5.81 -7.33 -8.73
CA MET B 216 -7.02 -8.18 -8.89
C MET B 216 -7.68 -8.00 -10.27
N ALA B 217 -7.84 -6.73 -10.70
CA ALA B 217 -8.46 -6.44 -12.02
C ALA B 217 -7.67 -7.08 -13.10
N ASN B 218 -6.34 -6.96 -13.02
CA ASN B 218 -5.47 -7.56 -14.02
C ASN B 218 -5.56 -9.10 -14.06
N ALA B 219 -5.63 -9.74 -12.91
CA ALA B 219 -5.64 -11.22 -12.83
C ALA B 219 -7.01 -11.82 -13.23
N MET B 220 -8.11 -11.17 -12.83
CA MET B 220 -9.46 -11.73 -12.98
C MET B 220 -10.20 -11.24 -14.22
N GLY B 221 -9.69 -10.14 -14.80
CA GLY B 221 -10.22 -9.61 -16.06
C GLY B 221 -10.47 -10.63 -17.15
N PRO B 222 -9.44 -11.46 -17.50
CA PRO B 222 -9.56 -12.48 -18.55
C PRO B 222 -10.69 -13.50 -18.40
N GLU B 223 -11.18 -13.74 -17.18
CA GLU B 223 -12.29 -14.66 -16.98
C GLU B 223 -13.59 -13.89 -16.83
N GLY B 224 -13.54 -12.58 -17.08
CA GLY B 224 -14.76 -11.78 -17.16
C GLY B 224 -15.21 -11.11 -15.88
N VAL B 225 -14.26 -10.80 -14.98
CA VAL B 225 -14.58 -10.14 -13.72
C VAL B 225 -13.92 -8.75 -13.71
N ARG B 226 -14.68 -7.72 -13.29
CA ARG B 226 -14.11 -6.37 -13.14
C ARG B 226 -13.90 -6.10 -11.65
N VAL B 227 -12.92 -5.24 -11.33
CA VAL B 227 -12.61 -4.87 -9.93
C VAL B 227 -12.29 -3.38 -9.86
N ASN B 228 -12.95 -2.63 -8.98
CA ASN B 228 -12.82 -1.19 -8.92
C ASN B 228 -12.95 -0.79 -7.46
N ALA B 229 -12.61 0.47 -7.17
CA ALA B 229 -12.83 1.07 -5.88
C ALA B 229 -13.53 2.42 -6.05
N ILE B 230 -14.19 2.85 -4.99
CA ILE B 230 -14.67 4.19 -4.90
C ILE B 230 -13.85 4.81 -3.78
N SER B 231 -13.27 5.97 -4.06
CA SER B 231 -12.67 6.78 -3.00
C SER B 231 -13.71 7.80 -2.59
N ALA B 232 -14.33 7.60 -1.43
CA ALA B 232 -15.44 8.44 -1.03
C ALA B 232 -14.92 9.61 -0.21
N GLY B 233 -15.57 10.76 -0.33
CA GLY B 233 -15.33 11.89 0.59
C GLY B 233 -15.85 11.54 1.98
N PRO B 234 -15.57 12.40 2.98
CA PRO B 234 -16.06 12.12 4.32
C PRO B 234 -17.59 12.21 4.39
N ILE B 235 -18.21 11.29 5.15
CA ILE B 235 -19.66 11.27 5.33
C ILE B 235 -20.06 11.48 6.79
N CYS B 253 -14.14 21.33 4.43
CA CYS B 253 -14.38 20.30 3.42
C CYS B 253 -15.64 20.62 2.59
N GLU B 254 -16.78 20.87 3.27
CA GLU B 254 -18.00 21.33 2.60
C GLU B 254 -17.74 22.67 1.92
N ALA B 255 -16.87 23.48 2.53
CA ALA B 255 -16.53 24.81 2.01
C ALA B 255 -15.58 24.80 0.79
N VAL B 256 -14.73 23.79 0.68
CA VAL B 256 -13.72 23.77 -0.42
C VAL B 256 -13.98 22.73 -1.54
N THR B 257 -14.98 21.88 -1.34
CA THR B 257 -15.46 20.95 -2.35
C THR B 257 -16.15 21.72 -3.50
N PRO B 258 -15.78 21.45 -4.76
CA PRO B 258 -16.46 22.10 -5.88
C PRO B 258 -18.00 22.09 -5.80
N ILE B 259 -18.61 20.96 -5.44
CA ILE B 259 -20.06 20.90 -5.31
C ILE B 259 -20.61 21.51 -4.01
N ARG B 260 -19.73 22.01 -3.13
CA ARG B 260 -20.11 22.73 -1.89
C ARG B 260 -21.00 21.93 -0.91
N ARG B 261 -20.85 20.62 -0.90
CA ARG B 261 -21.50 19.81 0.12
C ARG B 261 -20.69 18.53 0.30
N THR B 262 -20.94 17.85 1.41
CA THR B 262 -20.33 16.57 1.60
C THR B 262 -21.22 15.58 0.86
N VAL B 263 -20.60 14.56 0.27
CA VAL B 263 -21.36 13.52 -0.40
C VAL B 263 -22.14 12.68 0.61
N THR B 264 -23.15 11.99 0.14
CA THR B 264 -24.04 11.25 1.02
C THR B 264 -23.87 9.76 0.72
N ILE B 265 -24.34 8.91 1.64
CA ILE B 265 -24.35 7.46 1.38
C ILE B 265 -25.18 7.12 0.14
N GLU B 266 -26.09 8.01 -0.22
CA GLU B 266 -26.88 7.84 -1.44
C GLU B 266 -26.04 8.09 -2.69
N ASP B 267 -25.27 9.18 -2.70
CA ASP B 267 -24.36 9.46 -3.81
C ASP B 267 -23.41 8.28 -3.98
N VAL B 268 -22.79 7.86 -2.88
CA VAL B 268 -21.85 6.72 -2.89
C VAL B 268 -22.56 5.44 -3.38
N GLY B 269 -23.72 5.16 -2.79
CA GLY B 269 -24.52 3.95 -3.16
C GLY B 269 -24.87 3.94 -4.62
N ASN B 270 -25.25 5.11 -5.15
CA ASN B 270 -25.54 5.24 -6.59
C ASN B 270 -24.34 4.95 -7.50
N SER B 271 -23.18 5.44 -7.11
CA SER B 271 -21.97 5.11 -7.88
C SER B 271 -21.58 3.65 -7.72
N ALA B 272 -21.74 3.11 -6.51
CA ALA B 272 -21.46 1.69 -6.27
C ALA B 272 -22.33 0.80 -7.14
N ALA B 273 -23.62 1.16 -7.21
CA ALA B 273 -24.58 0.37 -7.99
C ALA B 273 -24.18 0.38 -9.44
N PHE B 274 -23.82 1.54 -9.97
CA PHE B 274 -23.34 1.62 -11.36
C PHE B 274 -22.11 0.73 -11.61
N LEU B 275 -21.14 0.81 -10.70
CA LEU B 275 -19.87 0.09 -10.85
C LEU B 275 -20.01 -1.45 -10.68
N CYS B 276 -21.06 -1.89 -10.02
CA CYS B 276 -21.35 -3.34 -10.02
C CYS B 276 -22.31 -3.81 -11.11
N SER B 277 -22.84 -2.88 -11.93
CA SER B 277 -23.78 -3.22 -13.00
C SER B 277 -23.07 -3.39 -14.33
N ASP B 278 -23.75 -3.97 -15.33
CA ASP B 278 -23.16 -4.10 -16.66
C ASP B 278 -23.04 -2.76 -17.42
N LEU B 279 -23.63 -1.69 -16.89
CA LEU B 279 -23.45 -0.33 -17.44
C LEU B 279 -21.98 0.09 -17.38
N SER B 280 -21.25 -0.34 -16.35
CA SER B 280 -19.83 0.02 -16.18
C SER B 280 -18.89 -1.01 -16.79
N ALA B 281 -19.42 -1.76 -17.75
CA ALA B 281 -18.70 -2.84 -18.42
C ALA B 281 -17.34 -2.41 -18.96
N GLY B 282 -17.18 -1.12 -19.25
CA GLY B 282 -15.87 -0.64 -19.77
C GLY B 282 -14.82 -0.25 -18.73
N ILE B 283 -15.19 -0.33 -17.45
CA ILE B 283 -14.41 0.22 -16.36
C ILE B 283 -13.86 -0.91 -15.47
N SER B 284 -12.55 -1.09 -15.53
CA SER B 284 -11.90 -1.98 -14.57
C SER B 284 -10.57 -1.44 -14.07
N GLY B 285 -10.23 -1.79 -12.82
CA GLY B 285 -8.93 -1.45 -12.25
C GLY B 285 -8.87 -0.01 -11.79
N GLU B 286 -10.04 0.62 -11.68
CA GLU B 286 -10.18 2.07 -11.50
C GLU B 286 -10.53 2.46 -10.05
N VAL B 287 -9.90 3.54 -9.56
CA VAL B 287 -10.33 4.18 -8.35
C VAL B 287 -11.19 5.39 -8.75
N VAL B 288 -12.51 5.30 -8.55
CA VAL B 288 -13.41 6.42 -8.93
C VAL B 288 -13.60 7.35 -7.72
N HIS B 289 -13.24 8.62 -7.84
CA HIS B 289 -13.39 9.56 -6.74
C HIS B 289 -14.79 10.04 -6.65
N VAL B 290 -15.44 9.78 -5.52
CA VAL B 290 -16.82 10.24 -5.31
C VAL B 290 -16.76 11.11 -4.09
N ASP B 291 -16.21 12.31 -4.26
CA ASP B 291 -15.89 13.16 -3.14
C ASP B 291 -16.27 14.59 -3.52
N GLY B 292 -17.12 14.70 -4.54
CA GLY B 292 -17.58 16.02 -5.02
C GLY B 292 -16.51 16.88 -5.66
N GLY B 293 -15.37 16.28 -5.99
CA GLY B 293 -14.30 16.98 -6.66
C GLY B 293 -13.26 17.50 -5.69
N PHE B 294 -13.32 17.06 -4.42
CA PHE B 294 -12.49 17.67 -3.38
C PHE B 294 -11.01 17.55 -3.76
N SER B 295 -10.62 16.37 -4.23
CA SER B 295 -9.19 16.03 -4.41
C SER B 295 -8.57 16.77 -5.60
N ILE B 296 -9.40 17.30 -6.50
CA ILE B 296 -8.85 18.01 -7.66
C ILE B 296 -8.77 19.53 -7.44
N ALA B 297 -9.13 19.98 -6.26
CA ALA B 297 -9.11 21.38 -5.96
C ALA B 297 -7.93 21.64 -5.00
N ALA B 298 -7.41 22.87 -4.97
CA ALA B 298 -6.39 23.26 -4.00
C ALA B 298 -6.46 24.74 -3.69
N MET B 299 -6.24 25.08 -2.42
CA MET B 299 -6.14 26.46 -1.94
C MET B 299 -7.46 27.22 -2.07
N ASN B 300 -8.57 26.51 -2.27
CA ASN B 300 -9.90 27.14 -2.41
C ASN B 300 -10.26 28.00 -1.19
#